data_2Q88
#
_entry.id   2Q88
#
_cell.length_a   57.365
_cell.length_b   57.365
_cell.length_c   161.883
_cell.angle_alpha   90.000
_cell.angle_beta   90.000
_cell.angle_gamma   90.000
#
_symmetry.space_group_name_H-M   'P 43 21 2'
#
loop_
_entity.id
_entity.type
_entity.pdbx_description
1 polymer 'Putative ABC transporter amino acid-binding protein'
2 non-polymer 'CADMIUM ION'
3 non-polymer '(4S)-2-METHYL-1,4,5,6-TETRAHYDROPYRIMIDINE-4-CARBOXYLIC ACID'
4 water water
#
_entity_poly.entity_id   1
_entity_poly.type   'polypeptide(L)'
_entity_poly.pdbx_seq_one_letter_code
;RDENKLEELKEQGFARIAIANEPPFTAVGADGKVSGAAPDVAREIFKRLGVADVVASISEYGAMIPGLQAGRHDAITAGL
FMKPERCAAVAYSQPILCDAEAFALKKGNPLGLKSYKDIADNPDAKIGAPGGGTEEKLALEAGVPRDRVIVVPDGQSGLK
MLQDGRIDVYSLPVLSINDLVSKANDPNVEVLAPVEGAPVYCDGAAFRKGDEALRDAFDVELAKLKESGEFAKIIEPYGF
SAKAAMSTTREKLCAAK
;
_entity_poly.pdbx_strand_id   A
#
# COMPACT_ATOMS: atom_id res chain seq x y z
N ARG A 1 -5.00 25.14 14.89
CA ARG A 1 -4.33 23.84 15.18
C ARG A 1 -4.35 22.89 13.96
N ASP A 2 -5.36 23.06 13.10
CA ASP A 2 -5.40 22.32 11.86
C ASP A 2 -4.54 22.99 10.79
N GLU A 3 -4.66 24.32 10.66
CA GLU A 3 -3.87 25.07 9.69
C GLU A 3 -2.40 25.22 10.11
N ASN A 4 -2.12 25.15 11.41
CA ASN A 4 -0.74 25.22 11.88
C ASN A 4 -0.13 23.86 12.24
N LYS A 5 -0.66 22.80 11.62
CA LYS A 5 -0.18 21.43 11.88
C LYS A 5 1.30 21.24 11.56
N LEU A 6 1.80 21.85 10.48
CA LEU A 6 3.21 21.74 10.13
C LEU A 6 4.07 22.34 11.24
N GLU A 7 3.71 23.52 11.73
CA GLU A 7 4.45 24.17 12.82
C GLU A 7 4.57 23.25 14.03
N GLU A 8 3.47 22.58 14.37
CA GLU A 8 3.39 21.65 15.49
C GLU A 8 4.34 20.47 15.31
N LEU A 9 4.37 19.92 14.10
CA LEU A 9 5.26 18.81 13.76
C LEU A 9 6.74 19.23 13.77
N LYS A 10 7.02 20.43 13.28
CA LYS A 10 8.37 20.96 13.29
C LYS A 10 8.84 21.15 14.73
N GLU A 11 7.96 21.65 15.59
CA GLU A 11 8.31 21.92 16.99
C GLU A 11 8.41 20.61 17.77
N GLN A 12 7.61 19.62 17.37
CA GLN A 12 7.64 18.27 17.91
C GLN A 12 8.96 17.57 17.59
N GLY A 13 9.43 17.72 16.36
CA GLY A 13 10.64 17.06 15.89
C GLY A 13 10.39 15.84 15.02
N PHE A 14 9.13 15.42 14.91
CA PHE A 14 8.77 14.20 14.16
C PHE A 14 7.31 14.18 13.73
N ALA A 15 7.04 13.44 12.66
CA ALA A 15 5.69 13.07 12.24
C ALA A 15 5.44 11.61 12.58
N ARG A 16 4.23 11.31 13.03
CA ARG A 16 3.82 9.92 13.23
C ARG A 16 3.20 9.39 11.95
N ILE A 17 3.74 8.29 11.45
CA ILE A 17 3.27 7.71 10.18
C ILE A 17 2.72 6.29 10.41
N ALA A 18 1.74 5.89 9.62
CA ALA A 18 1.18 4.56 9.72
C ALA A 18 1.73 3.73 8.56
N ILE A 19 2.23 2.53 8.87
CA ILE A 19 2.76 1.58 7.88
C ILE A 19 2.22 0.16 8.16
N ALA A 20 2.46 -0.78 7.25
CA ALA A 20 1.98 -2.16 7.45
C ALA A 20 3.06 -3.22 7.50
N ASN A 21 4.29 -2.88 7.15
CA ASN A 21 5.40 -3.85 7.02
C ASN A 21 5.17 -4.83 5.85
N GLU A 22 5.24 -4.31 4.63
CA GLU A 22 4.99 -5.09 3.41
C GLU A 22 5.99 -4.63 2.34
N PRO A 23 7.21 -5.17 2.37
CA PRO A 23 8.22 -4.80 1.38
C PRO A 23 7.73 -5.04 -0.05
N PRO A 24 8.09 -4.20 -1.02
CA PRO A 24 8.95 -3.02 -0.86
C PRO A 24 8.24 -1.69 -0.57
N PHE A 25 6.96 -1.72 -0.23
CA PHE A 25 6.23 -0.51 0.15
C PHE A 25 6.70 0.03 1.50
N THR A 26 6.82 -0.85 2.50
CA THR A 26 7.25 -0.50 3.86
C THR A 26 8.04 -1.67 4.39
N ALA A 27 9.01 -1.40 5.26
CA ALA A 27 9.83 -2.46 5.84
C ALA A 27 10.38 -1.93 7.15
N VAL A 28 10.66 -2.83 8.09
CA VAL A 28 11.30 -2.45 9.35
C VAL A 28 12.56 -3.29 9.54
N GLY A 29 13.69 -2.63 9.76
CA GLY A 29 14.94 -3.34 10.02
C GLY A 29 14.97 -3.91 11.43
N ALA A 30 15.95 -4.76 11.69
CA ALA A 30 16.16 -5.35 13.01
C ALA A 30 16.37 -4.28 14.09
N ASP A 31 17.02 -3.17 13.71
CA ASP A 31 17.33 -2.09 14.65
C ASP A 31 16.14 -1.15 14.85
N GLY A 32 15.09 -1.36 14.07
CA GLY A 32 13.89 -0.53 14.13
C GLY A 32 13.79 0.52 13.04
N LYS A 33 14.82 0.62 12.19
CA LYS A 33 14.83 1.59 11.11
C LYS A 33 13.72 1.25 10.13
N VAL A 34 12.81 2.19 9.93
CA VAL A 34 11.74 2.01 8.98
C VAL A 34 12.25 2.48 7.63
N SER A 35 12.04 1.65 6.62
CA SER A 35 12.38 1.97 5.25
C SER A 35 11.29 1.40 4.33
N GLY A 36 11.66 1.09 3.10
CA GLY A 36 10.66 0.84 2.06
C GLY A 36 10.40 2.15 1.36
N ALA A 37 9.78 2.08 0.18
CA ALA A 37 9.62 3.22 -0.70
C ALA A 37 8.75 4.34 -0.13
N ALA A 38 7.66 3.95 0.54
CA ALA A 38 6.73 4.96 1.03
C ALA A 38 7.30 5.76 2.22
N PRO A 39 7.84 5.09 3.25
CA PRO A 39 8.53 5.81 4.33
C PRO A 39 9.80 6.55 3.89
N ASP A 40 10.51 6.05 2.88
CA ASP A 40 11.71 6.75 2.39
C ASP A 40 11.36 8.09 1.74
N VAL A 41 10.33 8.09 0.90
CA VAL A 41 9.84 9.33 0.28
C VAL A 41 9.32 10.30 1.36
N ALA A 42 8.53 9.76 2.29
CA ALA A 42 7.90 10.55 3.34
C ALA A 42 8.94 11.15 4.25
N ARG A 43 9.97 10.36 4.58
CA ARG A 43 11.03 10.85 5.47
C ARG A 43 11.77 12.00 4.82
N GLU A 44 12.06 11.87 3.52
CA GLU A 44 12.78 12.90 2.78
C GLU A 44 11.99 14.20 2.68
N ILE A 45 10.70 14.11 2.38
CA ILE A 45 9.87 15.32 2.31
C ILE A 45 9.77 16.01 3.69
N PHE A 46 9.44 15.23 4.71
CA PHE A 46 9.33 15.80 6.05
C PHE A 46 10.60 16.49 6.47
N LYS A 47 11.75 15.89 6.15
CA LYS A 47 13.05 16.51 6.43
C LYS A 47 13.13 17.87 5.75
N ARG A 48 12.72 17.92 4.48
CA ARG A 48 12.76 19.16 3.70
C ARG A 48 11.83 20.21 4.26
N LEU A 49 10.73 19.76 4.87
CA LEU A 49 9.80 20.64 5.56
C LEU A 49 10.27 21.04 6.96
N GLY A 50 11.42 20.52 7.39
CA GLY A 50 11.97 20.85 8.70
C GLY A 50 11.49 19.99 9.85
N VAL A 51 10.95 18.81 9.51
CA VAL A 51 10.54 17.80 10.50
C VAL A 51 11.59 16.70 10.45
N ALA A 52 12.42 16.64 11.49
CA ALA A 52 13.69 15.89 11.51
C ALA A 52 13.59 14.34 11.43
N ASP A 53 12.46 13.79 11.86
CA ASP A 53 12.30 12.34 11.89
C ASP A 53 10.87 11.92 11.60
N VAL A 54 10.68 10.64 11.27
CA VAL A 54 9.37 10.02 11.21
C VAL A 54 9.33 8.92 12.28
N VAL A 55 8.18 8.74 12.91
CA VAL A 55 7.98 7.70 13.92
C VAL A 55 6.86 6.79 13.39
N ALA A 56 7.22 5.55 13.07
CA ALA A 56 6.27 4.63 12.41
C ALA A 56 5.53 3.68 13.37
N SER A 57 4.23 3.55 13.13
CA SER A 57 3.36 2.61 13.83
C SER A 57 2.89 1.56 12.82
N ILE A 58 2.99 0.27 13.16
CA ILE A 58 2.47 -0.82 12.30
C ILE A 58 1.04 -1.17 12.67
N SER A 59 0.20 -1.33 11.64
CA SER A 59 -1.15 -1.83 11.82
C SER A 59 -1.56 -2.54 10.53
N GLU A 60 -2.67 -3.24 10.58
CA GLU A 60 -3.25 -3.82 9.37
C GLU A 60 -3.92 -2.66 8.63
N TYR A 61 -4.18 -2.83 7.32
CA TYR A 61 -4.60 -1.71 6.48
C TYR A 61 -5.93 -1.13 6.89
N GLY A 62 -6.83 -1.98 7.39
CA GLY A 62 -8.17 -1.54 7.79
C GLY A 62 -8.21 -0.58 8.96
N ALA A 63 -7.13 -0.55 9.74
CA ALA A 63 -7.07 0.36 10.89
C ALA A 63 -6.50 1.76 10.58
N MET A 64 -5.98 1.94 9.38
CA MET A 64 -5.20 3.14 9.07
C MET A 64 -6.01 4.42 8.98
N ILE A 65 -7.01 4.42 8.11
CA ILE A 65 -7.89 5.59 7.98
C ILE A 65 -8.57 5.94 9.32
N PRO A 66 -9.20 4.97 10.00
CA PRO A 66 -9.76 5.23 11.33
C PRO A 66 -8.79 5.93 12.30
N GLY A 67 -7.55 5.45 12.41
CA GLY A 67 -6.56 6.05 13.31
C GLY A 67 -6.15 7.45 12.87
N LEU A 68 -6.07 7.65 11.57
CA LEU A 68 -5.77 8.96 10.99
C LEU A 68 -6.88 9.95 11.35
N GLN A 69 -8.12 9.56 11.08
CA GLN A 69 -9.29 10.38 11.42
C GLN A 69 -9.39 10.66 12.92
N ALA A 70 -8.98 9.69 13.74
CA ALA A 70 -8.99 9.83 15.19
C ALA A 70 -7.84 10.68 15.71
N GLY A 71 -6.93 11.07 14.81
CA GLY A 71 -5.80 11.91 15.16
C GLY A 71 -4.64 11.18 15.78
N ARG A 72 -4.59 9.86 15.63
CA ARG A 72 -3.53 9.07 16.25
C ARG A 72 -2.22 9.16 15.47
N HIS A 73 -2.32 9.28 14.15
CA HIS A 73 -1.13 9.48 13.32
C HIS A 73 -1.28 10.71 12.43
N ASP A 74 -0.16 11.17 11.90
CA ASP A 74 -0.13 12.42 11.12
C ASP A 74 -0.31 12.17 9.63
N ALA A 75 0.17 11.02 9.17
CA ALA A 75 0.05 10.63 7.77
C ALA A 75 0.00 9.12 7.65
N ILE A 76 -0.65 8.62 6.60
CA ILE A 76 -0.54 7.19 6.26
C ILE A 76 0.45 7.11 5.12
N THR A 77 1.56 6.40 5.31
CA THR A 77 2.56 6.30 4.26
C THR A 77 2.89 4.83 4.08
N ALA A 78 2.00 4.12 3.39
CA ALA A 78 1.97 2.67 3.48
C ALA A 78 1.65 1.96 2.18
N GLY A 79 1.55 2.71 1.08
CA GLY A 79 1.05 2.15 -0.17
C GLY A 79 -0.45 1.99 -0.08
N LEU A 80 -1.11 2.89 0.64
CA LEU A 80 -2.59 2.88 0.75
C LEU A 80 -3.20 3.48 -0.52
N PHE A 81 -3.55 2.59 -1.45
CA PHE A 81 -3.93 2.97 -2.79
C PHE A 81 -5.15 3.89 -2.82
N MET A 82 -5.13 4.87 -3.72
CA MET A 82 -6.23 5.83 -3.86
C MET A 82 -7.44 5.19 -4.50
N LYS A 83 -8.61 5.47 -3.91
CA LYS A 83 -9.89 5.01 -4.40
C LYS A 83 -10.93 6.03 -3.99
N PRO A 84 -11.98 6.21 -4.80
CA PRO A 84 -13.04 7.17 -4.50
C PRO A 84 -13.44 7.18 -3.01
N GLU A 85 -13.79 6.02 -2.46
CA GLU A 85 -14.16 5.87 -1.04
C GLU A 85 -13.12 6.36 -0.05
N ARG A 86 -11.85 6.06 -0.33
CA ARG A 86 -10.76 6.49 0.53
C ARG A 86 -10.51 7.98 0.35
N CYS A 87 -10.58 8.44 -0.90
CA CYS A 87 -10.40 9.85 -1.23
C CYS A 87 -11.40 10.76 -0.51
N ALA A 88 -12.59 10.24 -0.24
CA ALA A 88 -13.62 10.98 0.48
C ALA A 88 -13.33 11.11 1.98
N ALA A 89 -12.47 10.24 2.51
CA ALA A 89 -12.21 10.14 3.96
C ALA A 89 -10.94 10.84 4.39
N VAL A 90 -9.99 11.00 3.46
CA VAL A 90 -8.67 11.56 3.73
C VAL A 90 -8.26 12.60 2.69
N ALA A 91 -7.25 13.40 3.01
CA ALA A 91 -6.64 14.32 2.06
C ALA A 91 -5.34 13.70 1.56
N TYR A 92 -5.37 13.19 0.33
CA TYR A 92 -4.25 12.53 -0.32
C TYR A 92 -3.30 13.52 -0.97
N SER A 93 -2.02 13.19 -0.95
CA SER A 93 -1.05 13.86 -1.79
C SER A 93 -1.26 13.41 -3.24
N GLN A 94 -0.45 13.95 -4.14
CA GLN A 94 -0.38 13.46 -5.52
C GLN A 94 0.23 12.04 -5.53
N PRO A 95 0.11 11.30 -6.65
CA PRO A 95 0.52 9.90 -6.68
C PRO A 95 2.00 9.67 -6.46
N ILE A 96 2.32 8.55 -5.82
CA ILE A 96 3.70 8.21 -5.50
C ILE A 96 4.07 6.80 -5.96
N LEU A 97 3.43 5.79 -5.37
CA LEU A 97 3.74 4.38 -5.64
C LEU A 97 2.62 3.67 -6.38
N CYS A 98 2.92 3.23 -7.59
CA CYS A 98 1.96 2.58 -8.47
C CYS A 98 2.25 1.09 -8.59
N ASP A 99 1.22 0.26 -8.60
CA ASP A 99 1.41 -1.18 -8.80
C ASP A 99 0.13 -1.89 -9.22
N ALA A 100 0.32 -3.03 -9.89
CA ALA A 100 -0.75 -3.94 -10.25
C ALA A 100 -0.89 -4.96 -9.12
N GLU A 101 -1.95 -5.79 -9.20
CA GLU A 101 -2.21 -6.83 -8.19
C GLU A 101 -1.71 -8.17 -8.70
N ALA A 102 -1.28 -9.02 -7.77
CA ALA A 102 -0.78 -10.35 -8.10
C ALA A 102 -1.42 -11.45 -7.24
N PHE A 103 -1.26 -12.70 -7.66
CA PHE A 103 -1.61 -13.88 -6.88
C PHE A 103 -0.38 -14.72 -6.62
N ALA A 104 -0.29 -15.25 -5.41
CA ALA A 104 0.62 -16.36 -5.08
C ALA A 104 -0.27 -17.60 -5.03
N LEU A 105 0.16 -18.63 -5.77
CA LEU A 105 -0.66 -19.79 -6.09
C LEU A 105 0.16 -21.07 -5.90
N LYS A 106 -0.52 -22.21 -5.82
CA LYS A 106 0.16 -23.49 -5.85
C LYS A 106 0.77 -23.75 -7.23
N LYS A 107 1.96 -24.35 -7.26
CA LYS A 107 2.69 -24.59 -8.50
C LYS A 107 1.79 -25.33 -9.49
N GLY A 108 1.74 -24.86 -10.73
CA GLY A 108 0.86 -25.42 -11.75
C GLY A 108 -0.52 -24.77 -11.79
N ASN A 109 -0.84 -23.98 -10.77
CA ASN A 109 -2.15 -23.32 -10.67
C ASN A 109 -3.29 -24.33 -10.93
N PRO A 110 -3.44 -25.32 -10.04
CA PRO A 110 -4.33 -26.46 -10.27
C PRO A 110 -5.79 -26.08 -10.38
N LEU A 111 -6.18 -24.97 -9.76
CA LEU A 111 -7.56 -24.51 -9.78
C LEU A 111 -7.81 -23.52 -10.92
N GLY A 112 -6.76 -23.24 -11.71
CA GLY A 112 -6.85 -22.35 -12.86
C GLY A 112 -7.38 -20.98 -12.50
N LEU A 113 -6.85 -20.42 -11.41
CA LEU A 113 -7.27 -19.11 -10.93
C LEU A 113 -6.38 -18.00 -11.50
N LYS A 114 -6.97 -17.17 -12.35
CA LYS A 114 -6.27 -16.08 -13.06
C LYS A 114 -6.89 -14.71 -12.80
N SER A 115 -8.12 -14.70 -12.28
CA SER A 115 -8.85 -13.47 -12.01
C SER A 115 -9.63 -13.63 -10.71
N TYR A 116 -10.13 -12.53 -10.15
CA TYR A 116 -10.93 -12.63 -8.93
C TYR A 116 -12.26 -13.32 -9.19
N LYS A 117 -12.73 -13.22 -10.44
CA LYS A 117 -13.93 -13.93 -10.88
C LYS A 117 -13.75 -15.44 -10.82
N ASP A 118 -12.56 -15.91 -11.18
CA ASP A 118 -12.26 -17.34 -11.16
C ASP A 118 -12.41 -17.90 -9.75
N ILE A 119 -12.05 -17.09 -8.76
CA ILE A 119 -12.16 -17.47 -7.36
C ILE A 119 -13.62 -17.49 -6.95
N ALA A 120 -14.39 -16.48 -7.39
CA ALA A 120 -15.81 -16.43 -7.08
C ALA A 120 -16.55 -17.63 -7.66
N ASP A 121 -16.15 -18.04 -8.85
CA ASP A 121 -16.78 -19.16 -9.59
C ASP A 121 -16.57 -20.56 -8.98
N ASN A 122 -15.50 -20.73 -8.22
CA ASN A 122 -15.17 -22.03 -7.61
C ASN A 122 -15.50 -21.96 -6.12
N PRO A 123 -16.52 -22.70 -5.66
CA PRO A 123 -16.94 -22.64 -4.24
C PRO A 123 -15.93 -23.25 -3.26
N ASP A 124 -14.91 -23.94 -3.78
CA ASP A 124 -13.85 -24.46 -2.92
C ASP A 124 -12.79 -23.43 -2.65
N ALA A 125 -12.63 -22.47 -3.56
CA ALA A 125 -11.48 -21.56 -3.55
C ALA A 125 -11.54 -20.53 -2.44
N LYS A 126 -10.50 -20.49 -1.64
CA LYS A 126 -10.39 -19.46 -0.62
C LYS A 126 -9.21 -18.56 -0.97
N ILE A 127 -9.42 -17.26 -0.89
CA ILE A 127 -8.34 -16.30 -1.10
C ILE A 127 -7.94 -15.60 0.19
N GLY A 128 -6.63 -15.52 0.43
CA GLY A 128 -6.12 -14.76 1.57
C GLY A 128 -5.74 -13.37 1.11
N ALA A 129 -5.98 -12.38 1.97
CA ALA A 129 -5.69 -10.99 1.62
C ALA A 129 -5.67 -10.14 2.87
N PRO A 130 -4.93 -9.04 2.86
CA PRO A 130 -4.92 -8.14 4.01
C PRO A 130 -6.29 -7.55 4.28
N GLY A 131 -6.68 -7.50 5.55
CA GLY A 131 -7.98 -6.96 5.95
C GLY A 131 -8.04 -5.47 5.67
N GLY A 132 -9.15 -5.03 5.06
CA GLY A 132 -9.34 -3.63 4.68
C GLY A 132 -8.54 -3.22 3.45
N GLY A 133 -7.95 -4.21 2.77
CA GLY A 133 -7.10 -3.93 1.62
C GLY A 133 -7.84 -3.95 0.29
N THR A 134 -7.20 -3.40 -0.75
CA THR A 134 -7.80 -3.41 -2.09
C THR A 134 -8.08 -4.80 -2.61
N GLU A 135 -7.21 -5.76 -2.33
CA GLU A 135 -7.42 -7.13 -2.84
C GLU A 135 -8.66 -7.75 -2.24
N GLU A 136 -8.83 -7.57 -0.93
CA GLU A 136 -10.02 -8.07 -0.25
C GLU A 136 -11.30 -7.52 -0.88
N LYS A 137 -11.33 -6.20 -1.12
CA LYS A 137 -12.48 -5.56 -1.75
C LYS A 137 -12.73 -6.06 -3.18
N LEU A 138 -11.65 -6.27 -3.94
CA LEU A 138 -11.78 -6.80 -5.31
C LEU A 138 -12.37 -8.20 -5.32
N ALA A 139 -11.98 -9.03 -4.34
CA ALA A 139 -12.52 -10.38 -4.19
C ALA A 139 -14.02 -10.31 -3.89
N LEU A 140 -14.38 -9.51 -2.89
CA LEU A 140 -15.78 -9.30 -2.53
C LEU A 140 -16.63 -8.73 -3.67
N GLU A 141 -16.08 -7.80 -4.45
CA GLU A 141 -16.79 -7.21 -5.59
C GLU A 141 -16.98 -8.18 -6.74
N ALA A 142 -16.08 -9.17 -6.85
CA ALA A 142 -16.18 -10.19 -7.90
C ALA A 142 -17.19 -11.26 -7.53
N GLY A 143 -17.67 -11.21 -6.28
CA GLY A 143 -18.67 -12.14 -5.81
C GLY A 143 -18.14 -13.26 -4.93
N VAL A 144 -16.87 -13.19 -4.52
CA VAL A 144 -16.36 -14.18 -3.56
C VAL A 144 -17.07 -13.89 -2.23
N PRO A 145 -17.78 -14.88 -1.69
CA PRO A 145 -18.48 -14.71 -0.41
C PRO A 145 -17.51 -14.36 0.71
N ARG A 146 -18.00 -13.64 1.71
CA ARG A 146 -17.17 -13.18 2.83
C ARG A 146 -16.37 -14.33 3.47
N ASP A 147 -17.01 -15.49 3.61
CA ASP A 147 -16.36 -16.62 4.28
C ASP A 147 -15.25 -17.31 3.46
N ARG A 148 -15.11 -16.93 2.19
CA ARG A 148 -14.01 -17.42 1.35
C ARG A 148 -12.95 -16.36 1.09
N VAL A 149 -13.14 -15.16 1.66
CA VAL A 149 -12.11 -14.13 1.66
C VAL A 149 -11.52 -14.07 3.06
N ILE A 150 -10.30 -14.57 3.19
CA ILE A 150 -9.70 -14.86 4.46
C ILE A 150 -8.69 -13.77 4.82
N VAL A 151 -8.89 -13.10 5.94
CA VAL A 151 -7.97 -12.04 6.33
C VAL A 151 -6.60 -12.65 6.67
N VAL A 152 -5.54 -12.04 6.14
CA VAL A 152 -4.15 -12.47 6.41
C VAL A 152 -3.38 -11.25 6.94
N PRO A 153 -2.82 -11.34 8.17
CA PRO A 153 -2.12 -10.21 8.79
C PRO A 153 -0.88 -9.71 8.04
N ASP A 154 -0.09 -10.62 7.50
CA ASP A 154 1.14 -10.21 6.78
C ASP A 154 1.60 -11.25 5.76
N GLY A 155 2.63 -10.90 4.99
CA GLY A 155 3.10 -11.73 3.89
C GLY A 155 3.59 -13.11 4.28
N GLN A 156 4.40 -13.19 5.34
CA GLN A 156 4.97 -14.47 5.77
C GLN A 156 3.86 -15.44 6.23
N SER A 157 2.83 -14.91 6.90
CA SER A 157 1.68 -15.72 7.28
C SER A 157 0.84 -16.15 6.08
N GLY A 158 0.70 -15.27 5.10
CA GLY A 158 -0.02 -15.59 3.85
C GLY A 158 0.60 -16.74 3.10
N LEU A 159 1.92 -16.71 2.99
CA LEU A 159 2.66 -17.79 2.36
C LEU A 159 2.55 -19.09 3.13
N LYS A 160 2.62 -19.02 4.46
CA LYS A 160 2.45 -20.19 5.31
C LYS A 160 1.05 -20.80 5.17
N MET A 161 0.03 -19.96 5.08
CA MET A 161 -1.35 -20.43 4.87
C MET A 161 -1.54 -21.12 3.52
N LEU A 162 -0.89 -20.56 2.49
CA LEU A 162 -0.91 -21.12 1.15
C LEU A 162 -0.20 -22.48 1.14
N GLN A 163 1.00 -22.51 1.70
CA GLN A 163 1.77 -23.76 1.85
C GLN A 163 1.01 -24.84 2.63
N ASP A 164 0.35 -24.44 3.72
CA ASP A 164 -0.42 -25.36 4.57
C ASP A 164 -1.72 -25.84 3.96
N GLY A 165 -2.22 -25.13 2.96
CA GLY A 165 -3.52 -25.43 2.36
C GLY A 165 -4.72 -24.80 3.01
N ARG A 166 -4.51 -23.76 3.82
CA ARG A 166 -5.63 -23.03 4.44
C ARG A 166 -6.27 -22.03 3.46
N ILE A 167 -5.48 -21.61 2.46
CA ILE A 167 -5.98 -20.81 1.36
C ILE A 167 -5.47 -21.38 0.02
N ASP A 168 -6.14 -21.03 -1.06
CA ASP A 168 -5.71 -21.47 -2.41
C ASP A 168 -4.93 -20.40 -3.18
N VAL A 169 -5.08 -19.15 -2.74
CA VAL A 169 -4.42 -18.03 -3.38
C VAL A 169 -4.18 -16.96 -2.32
N TYR A 170 -3.04 -16.30 -2.41
CA TYR A 170 -2.78 -15.13 -1.56
C TYR A 170 -2.52 -13.95 -2.48
N SER A 171 -3.20 -12.84 -2.24
CA SER A 171 -3.13 -11.71 -3.14
C SER A 171 -2.54 -10.47 -2.45
N LEU A 172 -1.52 -9.90 -3.10
CA LEU A 172 -0.87 -8.63 -2.74
C LEU A 172 -0.48 -7.95 -4.05
N PRO A 173 -0.01 -6.70 -4.00
CA PRO A 173 0.61 -6.07 -5.16
C PRO A 173 1.77 -6.89 -5.73
N VAL A 174 1.90 -6.87 -7.06
CA VAL A 174 2.97 -7.56 -7.78
C VAL A 174 4.33 -7.45 -7.10
N LEU A 175 4.77 -6.24 -6.80
CA LEU A 175 6.08 -6.07 -6.18
C LEU A 175 6.20 -6.73 -4.81
N SER A 176 5.12 -6.72 -4.03
CA SER A 176 5.09 -7.36 -2.70
C SER A 176 5.12 -8.89 -2.79
N ILE A 177 4.35 -9.44 -3.72
CA ILE A 177 4.31 -10.89 -3.92
C ILE A 177 5.68 -11.38 -4.40
N ASN A 178 6.23 -10.71 -5.42
CA ASN A 178 7.56 -11.09 -5.95
C ASN A 178 8.66 -11.06 -4.91
N ASP A 179 8.66 -10.02 -4.07
CA ASP A 179 9.64 -9.90 -3.02
C ASP A 179 9.51 -11.04 -2.00
N LEU A 180 8.28 -11.29 -1.58
CA LEU A 180 7.97 -12.33 -0.59
C LEU A 180 8.31 -13.73 -1.08
N VAL A 181 7.90 -14.06 -2.31
CA VAL A 181 8.18 -15.37 -2.91
C VAL A 181 9.68 -15.60 -3.14
N SER A 182 10.38 -14.57 -3.62
CA SER A 182 11.82 -14.69 -3.86
C SER A 182 12.65 -14.89 -2.57
N LYS A 183 12.07 -14.54 -1.43
CA LYS A 183 12.73 -14.74 -0.13
C LYS A 183 12.32 -16.06 0.52
N ALA A 184 11.23 -16.64 0.03
CA ALA A 184 10.62 -17.82 0.65
C ALA A 184 11.38 -19.10 0.35
N ASN A 185 11.94 -19.17 -0.85
CA ASN A 185 12.60 -20.38 -1.33
C ASN A 185 11.63 -21.58 -1.28
N ASP A 186 10.51 -21.44 -1.96
CA ASP A 186 9.50 -22.50 -2.05
C ASP A 186 9.15 -22.81 -3.50
N PRO A 187 9.64 -23.94 -4.00
CA PRO A 187 9.40 -24.35 -5.39
C PRO A 187 7.93 -24.70 -5.67
N ASN A 188 7.16 -24.95 -4.61
CA ASN A 188 5.77 -25.34 -4.75
C ASN A 188 4.78 -24.17 -4.78
N VAL A 189 5.33 -22.96 -4.77
CA VAL A 189 4.56 -21.71 -4.89
C VAL A 189 4.89 -21.03 -6.22
N GLU A 190 3.88 -20.39 -6.79
CA GLU A 190 3.94 -19.83 -8.14
C GLU A 190 3.26 -18.47 -8.15
N VAL A 191 3.79 -17.53 -8.94
CA VAL A 191 3.23 -16.18 -9.01
C VAL A 191 2.47 -15.97 -10.30
N LEU A 192 1.27 -15.42 -10.20
CA LEU A 192 0.55 -14.94 -11.37
C LEU A 192 0.40 -13.43 -11.24
N ALA A 193 0.97 -12.70 -12.20
CA ALA A 193 0.95 -11.24 -12.20
C ALA A 193 0.95 -10.67 -13.63
N PRO A 194 0.11 -9.67 -13.89
CA PRO A 194 -0.88 -9.19 -12.93
C PRO A 194 -2.15 -10.02 -12.96
N VAL A 195 -2.98 -9.87 -11.93
CA VAL A 195 -4.29 -10.51 -11.92
C VAL A 195 -5.11 -9.96 -13.09
N GLU A 196 -5.73 -10.86 -13.85
CA GLU A 196 -6.52 -10.44 -14.99
C GLU A 196 -7.79 -9.75 -14.54
N GLY A 197 -8.07 -8.58 -15.13
CA GLY A 197 -9.29 -7.83 -14.83
C GLY A 197 -9.17 -6.87 -13.66
N ALA A 198 -8.06 -6.94 -12.94
CA ALA A 198 -7.85 -6.11 -11.75
C ALA A 198 -7.31 -4.74 -12.18
N PRO A 199 -7.68 -3.67 -11.47
CA PRO A 199 -7.16 -2.33 -11.75
C PRO A 199 -5.69 -2.21 -11.38
N VAL A 200 -5.00 -1.26 -11.99
CA VAL A 200 -3.69 -0.84 -11.50
C VAL A 200 -4.01 0.33 -10.58
N TYR A 201 -3.31 0.38 -9.45
CA TYR A 201 -3.55 1.38 -8.42
C TYR A 201 -2.28 2.21 -8.24
N CYS A 202 -2.45 3.43 -7.72
CA CYS A 202 -1.36 4.23 -7.17
C CYS A 202 -1.72 4.73 -5.79
N ASP A 203 -0.74 4.85 -4.92
CA ASP A 203 -0.95 5.44 -3.61
C ASP A 203 -0.56 6.92 -3.56
N GLY A 204 -0.71 7.51 -2.38
CA GLY A 204 -0.08 8.78 -2.05
C GLY A 204 -0.04 8.77 -0.54
N ALA A 205 0.62 9.75 0.07
CA ALA A 205 0.49 9.92 1.50
C ALA A 205 -0.92 10.44 1.82
N ALA A 206 -1.56 9.92 2.86
CA ALA A 206 -2.89 10.40 3.25
C ALA A 206 -2.82 11.20 4.54
N PHE A 207 -3.49 12.36 4.55
CA PHE A 207 -3.54 13.23 5.72
C PHE A 207 -4.98 13.42 6.16
N ARG A 208 -5.16 13.80 7.41
CA ARG A 208 -6.47 14.14 7.94
C ARG A 208 -7.06 15.28 7.10
N LYS A 209 -8.34 15.19 6.77
CA LYS A 209 -9.02 16.22 5.95
C LYS A 209 -8.77 17.66 6.41
N GLY A 210 -8.76 17.86 7.72
CA GLY A 210 -8.48 19.16 8.31
C GLY A 210 -7.03 19.58 8.29
N ASP A 211 -6.13 18.67 7.91
CA ASP A 211 -4.70 18.95 7.78
C ASP A 211 -4.29 19.26 6.33
N GLU A 212 -5.20 19.86 5.57
CA GLU A 212 -4.96 20.16 4.14
C GLU A 212 -3.75 21.06 3.88
N ALA A 213 -3.46 21.97 4.81
CA ALA A 213 -2.29 22.84 4.69
C ALA A 213 -0.99 22.03 4.74
N LEU A 214 -0.95 20.99 5.59
CA LEU A 214 0.21 20.08 5.63
C LEU A 214 0.31 19.22 4.35
N ARG A 215 -0.82 18.75 3.85
CA ARG A 215 -0.89 18.05 2.57
C ARG A 215 -0.32 18.93 1.42
N ASP A 216 -0.72 20.20 1.36
CA ASP A 216 -0.20 21.16 0.38
C ASP A 216 1.31 21.30 0.42
N ALA A 217 1.85 21.51 1.63
CA ALA A 217 3.30 21.61 1.84
C ALA A 217 4.05 20.34 1.41
N PHE A 218 3.51 19.20 1.78
CA PHE A 218 4.05 17.91 1.37
C PHE A 218 4.07 17.84 -0.17
N ASP A 219 2.96 18.25 -0.79
CA ASP A 219 2.81 18.21 -2.24
C ASP A 219 3.78 19.13 -2.97
N VAL A 220 4.07 20.30 -2.40
CA VAL A 220 5.02 21.23 -3.01
C VAL A 220 6.40 20.55 -3.13
N GLU A 221 6.82 19.87 -2.06
CA GLU A 221 8.11 19.17 -2.05
C GLU A 221 8.12 17.93 -2.96
N LEU A 222 7.01 17.20 -2.99
CA LEU A 222 6.88 16.03 -3.85
C LEU A 222 7.04 16.40 -5.33
N ALA A 223 6.41 17.50 -5.72
CA ALA A 223 6.54 18.05 -7.08
C ALA A 223 7.99 18.39 -7.43
N LYS A 224 8.73 19.00 -6.50
CA LYS A 224 10.14 19.32 -6.73
C LYS A 224 11.01 18.06 -6.87
N LEU A 225 10.72 17.04 -6.07
CA LEU A 225 11.40 15.75 -6.15
C LEU A 225 11.15 15.10 -7.53
N LYS A 226 9.90 15.15 -7.97
CA LYS A 226 9.51 14.60 -9.29
C LYS A 226 10.26 15.31 -10.41
N GLU A 227 10.24 16.64 -10.38
CA GLU A 227 10.88 17.52 -11.37
C GLU A 227 12.40 17.30 -11.45
N SER A 228 13.08 17.23 -10.31
CA SER A 228 14.54 17.08 -10.30
C SER A 228 15.01 15.66 -10.69
N GLY A 229 14.15 14.67 -10.51
CA GLY A 229 14.55 13.28 -10.73
C GLY A 229 14.89 12.56 -9.44
N GLU A 230 14.83 13.29 -8.33
CA GLU A 230 15.15 12.70 -7.03
C GLU A 230 14.08 11.69 -6.60
N PHE A 231 12.83 11.96 -6.98
CA PHE A 231 11.70 11.03 -6.80
C PHE A 231 12.03 9.64 -7.37
N ALA A 232 12.45 9.59 -8.63
CA ALA A 232 12.84 8.34 -9.28
C ALA A 232 14.00 7.68 -8.55
N LYS A 233 14.98 8.47 -8.10
CA LYS A 233 16.16 7.93 -7.42
C LYS A 233 15.78 7.21 -6.12
N ILE A 234 14.70 7.69 -5.49
CA ILE A 234 14.26 7.08 -4.23
C ILE A 234 13.45 5.80 -4.46
N ILE A 235 12.45 5.87 -5.33
CA ILE A 235 11.50 4.75 -5.46
C ILE A 235 11.91 3.64 -6.44
N GLU A 236 12.64 4.00 -7.49
CA GLU A 236 12.99 3.02 -8.51
C GLU A 236 13.91 1.85 -8.07
N PRO A 237 14.85 2.07 -7.15
CA PRO A 237 15.58 0.95 -6.54
C PRO A 237 14.68 -0.09 -5.85
N TYR A 238 13.46 0.31 -5.48
CA TYR A 238 12.49 -0.62 -4.89
C TYR A 238 11.62 -1.33 -5.93
N GLY A 239 11.72 -0.91 -7.19
CA GLY A 239 11.03 -1.58 -8.30
C GLY A 239 9.87 -0.79 -8.88
N PHE A 240 9.62 0.39 -8.32
CA PHE A 240 8.51 1.23 -8.77
C PHE A 240 8.85 2.04 -10.02
N SER A 241 7.83 2.46 -10.75
CA SER A 241 8.03 3.30 -11.93
C SER A 241 7.66 4.74 -11.60
N ALA A 242 8.62 5.65 -11.74
CA ALA A 242 8.33 7.07 -11.52
C ALA A 242 7.45 7.61 -12.65
N LYS A 243 7.67 7.10 -13.86
CA LYS A 243 6.86 7.46 -15.03
C LYS A 243 5.36 7.22 -14.77
N ALA A 244 5.02 6.04 -14.23
CA ALA A 244 3.63 5.71 -13.91
C ALA A 244 2.97 6.72 -12.95
N ALA A 245 3.67 7.08 -11.86
CA ALA A 245 3.14 8.04 -10.91
C ALA A 245 3.02 9.42 -11.56
N MET A 246 4.06 9.80 -12.30
CA MET A 246 4.09 11.09 -12.99
C MET A 246 3.15 11.18 -14.21
N SER A 247 2.57 10.05 -14.62
CA SER A 247 1.59 10.04 -15.73
C SER A 247 0.15 10.29 -15.27
N THR A 248 -0.06 10.41 -13.96
CA THR A 248 -1.43 10.53 -13.44
C THR A 248 -1.55 11.57 -12.32
N THR A 249 -2.76 11.75 -11.78
CA THR A 249 -2.99 12.76 -10.74
C THR A 249 -3.94 12.23 -9.69
N ARG A 250 -3.98 12.90 -8.54
CA ARG A 250 -4.91 12.54 -7.48
C ARG A 250 -6.36 12.59 -7.97
N GLU A 251 -6.73 13.63 -8.70
CA GLU A 251 -8.13 13.74 -9.13
C GLU A 251 -8.56 12.64 -10.10
N LYS A 252 -7.66 12.23 -11.01
CA LYS A 252 -7.95 11.11 -11.93
C LYS A 252 -8.10 9.76 -11.22
N LEU A 253 -7.24 9.49 -10.24
CA LEU A 253 -7.30 8.24 -9.49
C LEU A 253 -8.48 8.20 -8.54
N CYS A 254 -8.93 9.38 -8.12
CA CYS A 254 -10.04 9.52 -7.16
C CYS A 254 -11.40 9.69 -7.82
N ALA A 255 -11.41 9.86 -9.14
CA ALA A 255 -12.65 10.14 -9.88
C ALA A 255 -13.61 8.95 -9.89
N ALA A 256 -14.91 9.24 -9.96
CA ALA A 256 -15.93 8.23 -10.17
C ALA A 256 -15.73 7.63 -11.56
N LYS A 257 -14.96 6.54 -11.62
CA LYS A 257 -14.56 5.92 -12.88
C LYS A 257 -14.31 4.42 -12.70
#